data_3UP9
#
_entry.id   3UP9
#
_cell.length_a   95.917
_cell.length_b   95.917
_cell.length_c   93.781
_cell.angle_alpha   90.000
_cell.angle_beta   90.000
_cell.angle_gamma   90.000
#
_symmetry.space_group_name_H-M   'I 41'
#
loop_
_entity.id
_entity.type
_entity.pdbx_description
1 polymer 'Putative uncharacterized protein'
2 non-polymer SELENOMETHIONINE
3 non-polymer 'TETRAETHYLENE GLYCOL'
4 non-polymer 2-{2-[2-(2-{2-[2-(2-ETHOXY-ETHOXY)-ETHOXY]-ETHOXY}-ETHOXY)-ETHOXY]-ETHOXY}-ETHANOL
5 water water
#
_entity_poly.entity_id   1
_entity_poly.type   'polypeptide(L)'
_entity_poly.pdbx_seq_one_letter_code
;GSSSDVVTLTVGATPSPHAKILTYINDNLAADAGIKLDIVEYTDYVQPNTALNDGDLDANFYQTVPYLENAEKQFGYNFE
AGEGIHLEPLGVFSNKHKSLDELPDGGTIGIISDTANQSRALELLATQGLVSIPEGDGDVNINTVTKLKNFDFREVEGPQ
LVRSLDDFDYAVINGNFAQEGGKTISGDALVVESPVDNPAVNVLVWKGDSKKVDAIAKLEKLLHSDEVKQYIEKTWSDGS
VIPAF
;
_entity_poly.pdbx_strand_id   A
#
# COMPACT_ATOMS: atom_id res chain seq x y z
N ASP A 5 29.19 -8.13 16.08
CA ASP A 5 28.25 -6.96 16.07
C ASP A 5 27.52 -6.64 14.71
N VAL A 6 27.20 -7.68 13.92
CA VAL A 6 26.14 -7.64 12.87
C VAL A 6 24.78 -7.45 13.64
N VAL A 7 23.96 -6.45 13.30
CA VAL A 7 22.66 -6.28 13.98
C VAL A 7 21.54 -6.96 13.14
N THR A 8 20.63 -7.69 13.80
CA THR A 8 19.56 -8.35 13.09
C THR A 8 18.34 -7.53 13.25
N LEU A 9 17.57 -7.36 12.17
CA LEU A 9 16.36 -6.53 12.20
C LEU A 9 15.12 -7.31 11.82
N THR A 10 14.12 -7.39 12.70
CA THR A 10 12.85 -8.02 12.35
CA THR A 10 12.83 -7.99 12.36
C THR A 10 11.98 -6.94 11.64
N VAL A 11 11.67 -7.16 10.36
CA VAL A 11 10.92 -6.23 9.58
C VAL A 11 9.64 -6.91 9.04
N GLY A 12 8.48 -6.32 9.36
CA GLY A 12 7.20 -6.78 8.87
C GLY A 12 6.82 -6.15 7.54
N ALA A 13 6.24 -6.93 6.63
CA ALA A 13 6.06 -6.46 5.25
C ALA A 13 4.94 -7.24 4.64
N THR A 14 4.15 -6.59 3.77
CA THR A 14 3.16 -7.33 2.96
C THR A 14 3.94 -8.13 1.92
N PRO A 15 3.36 -9.22 1.42
CA PRO A 15 4.29 -10.06 0.59
C PRO A 15 4.82 -9.45 -0.69
N SER A 16 3.96 -8.74 -1.45
CA SER A 16 4.39 -8.19 -2.76
C SER A 16 3.89 -6.77 -2.88
N PRO A 17 4.77 -5.83 -3.20
CA PRO A 17 6.22 -5.89 -3.45
C PRO A 17 7.16 -5.98 -2.23
N HIS A 18 6.64 -5.65 -1.05
CA HIS A 18 7.50 -5.29 0.07
C HIS A 18 8.41 -6.41 0.50
N ALA A 19 7.86 -7.59 0.82
CA ALA A 19 8.73 -8.70 1.21
C ALA A 19 9.67 -9.10 0.10
N LYS A 20 9.25 -9.05 -1.15
CA LYS A 20 10.19 -9.36 -2.27
C LYS A 20 11.39 -8.38 -2.33
N ILE A 21 11.12 -7.09 -2.21
CA ILE A 21 12.16 -6.04 -2.21
C ILE A 21 13.10 -6.31 -1.03
N LEU A 22 12.54 -6.61 0.14
CA LEU A 22 13.37 -6.88 1.35
C LEU A 22 14.20 -8.16 1.19
N THR A 23 13.75 -9.11 0.37
CA THR A 23 14.41 -10.38 0.20
C THR A 23 15.59 -10.13 -0.79
N TYR A 24 15.37 -9.34 -1.86
CA TYR A 24 16.46 -8.92 -2.71
C TYR A 24 17.58 -8.27 -1.87
N ILE A 25 17.19 -7.34 -1.01
CA ILE A 25 18.16 -6.65 -0.14
C ILE A 25 18.87 -7.66 0.77
N ASN A 26 18.11 -8.49 1.43
CA ASN A 26 18.73 -9.48 2.28
C ASN A 26 19.75 -10.36 1.57
N ASP A 27 19.42 -10.81 0.38
CA ASP A 27 20.22 -11.83 -0.26
C ASP A 27 21.36 -11.18 -1.01
N ASN A 28 21.21 -9.89 -1.37
CA ASN A 28 22.21 -9.26 -2.24
C ASN A 28 23.06 -8.16 -1.59
N LEU A 29 22.46 -7.42 -0.66
CA LEU A 29 23.04 -6.16 -0.11
C LEU A 29 23.30 -6.13 1.43
N ALA A 30 22.56 -6.90 2.22
CA ALA A 30 22.60 -6.72 3.67
C ALA A 30 23.94 -7.06 4.25
N ALA A 31 24.54 -8.17 3.81
CA ALA A 31 25.87 -8.63 4.30
C ALA A 31 26.98 -7.56 4.16
N ASP A 32 27.06 -6.88 3.02
CA ASP A 32 28.04 -5.78 2.85
C ASP A 32 27.73 -4.63 3.81
N ALA A 33 26.43 -4.37 4.11
CA ALA A 33 26.02 -3.28 5.03
C ALA A 33 26.16 -3.62 6.55
N GLY A 34 26.53 -4.86 6.87
CA GLY A 34 26.65 -5.35 8.24
C GLY A 34 25.33 -5.56 8.99
N ILE A 35 24.24 -5.75 8.26
CA ILE A 35 22.93 -6.13 8.85
C ILE A 35 22.38 -7.51 8.32
N LYS A 36 21.48 -8.10 9.10
CA LYS A 36 20.70 -9.27 8.69
C LYS A 36 19.22 -8.91 8.79
N LEU A 37 18.42 -9.33 7.81
CA LEU A 37 16.99 -9.13 7.90
C LEU A 37 16.22 -10.38 8.28
N ASP A 38 15.30 -10.23 9.21
CA ASP A 38 14.31 -11.28 9.55
C ASP A 38 12.96 -10.79 9.02
N ILE A 39 12.56 -11.22 7.82
CA ILE A 39 11.37 -10.73 7.19
C ILE A 39 10.18 -11.51 7.75
N VAL A 40 9.16 -10.78 8.19
CA VAL A 40 7.88 -11.35 8.64
C VAL A 40 6.79 -10.80 7.73
N GLU A 41 6.05 -11.71 7.08
CA GLU A 41 5.05 -11.32 6.10
C GLU A 41 3.69 -11.12 6.80
N TYR A 42 2.97 -10.08 6.39
CA TYR A 42 1.68 -9.75 7.03
C TYR A 42 0.74 -9.58 5.85
N THR A 43 -0.53 -9.92 6.01
CA THR A 43 -1.49 -9.80 4.88
C THR A 43 -2.58 -8.71 5.06
N ASP A 44 -2.62 -8.05 6.22
CA ASP A 44 -3.53 -6.94 6.46
C ASP A 44 -2.74 -5.71 7.02
N TYR A 45 -3.44 -4.59 7.19
CA TYR A 45 -2.81 -3.31 7.43
C TYR A 45 -2.70 -2.96 8.92
N VAL A 46 -3.63 -3.48 9.72
CA VAL A 46 -3.72 -3.21 11.15
C VAL A 46 -2.52 -3.81 11.92
N GLN A 47 -2.21 -5.04 11.57
CA GLN A 47 -1.33 -5.87 12.35
C GLN A 47 0.13 -5.49 12.39
N PRO A 48 0.76 -5.09 11.26
CA PRO A 48 2.18 -4.63 11.32
C PRO A 48 2.44 -3.39 12.19
N ASN A 49 1.49 -2.47 12.25
CA ASN A 49 1.66 -1.28 13.05
C ASN A 49 1.49 -1.65 14.54
N THR A 50 0.53 -2.53 14.87
CA THR A 50 0.38 -3.05 16.22
C THR A 50 1.67 -3.80 16.67
N ALA A 51 2.18 -4.67 15.82
CA ALA A 51 3.43 -5.39 16.15
C ALA A 51 4.59 -4.41 16.33
N LEU A 52 4.74 -3.40 15.45
CA LEU A 52 5.78 -2.33 15.67
C LEU A 52 5.54 -1.62 17.00
N ASN A 53 4.29 -1.26 17.28
CA ASN A 53 3.99 -0.59 18.54
C ASN A 53 4.30 -1.41 19.79
N ASP A 54 3.96 -2.70 19.76
CA ASP A 54 3.98 -3.54 20.95
C ASP A 54 5.38 -4.12 21.18
N GLY A 55 6.32 -3.87 20.30
CA GLY A 55 7.66 -4.42 20.49
C GLY A 55 7.99 -5.73 19.76
N ASP A 56 7.26 -6.13 18.72
CA ASP A 56 7.51 -7.41 18.08
C ASP A 56 8.41 -7.30 16.81
N LEU A 57 8.46 -6.08 16.25
CA LEU A 57 9.14 -5.74 15.03
C LEU A 57 10.03 -4.56 15.35
N ASP A 58 11.13 -4.50 14.64
CA ASP A 58 12.03 -3.35 14.67
C ASP A 58 11.56 -2.27 13.70
N ALA A 59 10.96 -2.68 12.59
CA ALA A 59 10.53 -1.76 11.53
C ALA A 59 9.42 -2.46 10.79
N ASN A 60 8.60 -1.75 10.04
CA ASN A 60 7.73 -2.38 9.04
C ASN A 60 7.86 -1.61 7.73
N PHE A 61 7.54 -2.29 6.65
CA PHE A 61 7.62 -1.73 5.31
C PHE A 61 6.40 -2.22 4.54
N TYR A 62 5.32 -1.45 4.61
CA TYR A 62 4.05 -1.83 3.99
C TYR A 62 3.09 -0.67 3.77
N GLN A 63 3.34 0.50 4.37
CA GLN A 63 2.35 1.54 4.44
C GLN A 63 2.77 2.85 3.73
N THR A 64 1.76 3.63 3.38
CA THR A 64 1.89 4.85 2.64
C THR A 64 1.94 5.95 3.68
N VAL A 65 2.47 7.10 3.26
CA VAL A 65 2.63 8.25 4.11
C VAL A 65 1.29 8.75 4.64
N PRO A 66 0.26 8.86 3.79
CA PRO A 66 -1.05 9.24 4.31
C PRO A 66 -1.70 8.26 5.31
N TYR A 67 -1.59 6.97 5.08
CA TYR A 67 -2.08 5.99 6.01
C TYR A 67 -1.34 6.11 7.35
N LEU A 68 -0.01 6.27 7.31
CA LEU A 68 0.79 6.46 8.53
C LEU A 68 0.34 7.68 9.32
N GLU A 69 0.12 8.79 8.62
CA GLU A 69 -0.31 10.04 9.26
C GLU A 69 -1.67 9.85 9.93
N ASN A 70 -2.60 9.20 9.27
CA ASN A 70 -3.87 8.84 9.88
C ASN A 70 -3.75 7.90 11.12
N ALA A 71 -2.84 6.91 11.06
CA ALA A 71 -2.65 5.94 12.15
C ALA A 71 -2.09 6.64 13.39
N GLU A 72 -1.17 7.58 13.16
CA GLU A 72 -0.64 8.41 14.25
C GLU A 72 -1.71 9.32 14.88
N LYS A 73 -2.60 9.85 14.06
CA LYS A 73 -3.65 10.75 14.47
C LYS A 73 -4.75 9.98 15.24
N GLN A 74 -5.22 8.84 14.70
CA GLN A 74 -6.30 8.01 15.27
C GLN A 74 -5.76 7.23 16.48
N PHE A 75 -4.53 6.72 16.43
CA PHE A 75 -4.05 5.86 17.54
C PHE A 75 -2.97 6.35 18.43
N GLY A 76 -2.27 7.46 18.08
CA GLY A 76 -1.22 8.05 18.95
C GLY A 76 0.13 7.35 18.80
N TYR A 77 0.26 6.54 17.76
CA TYR A 77 1.52 5.84 17.57
C TYR A 77 2.70 6.83 17.53
N ASN A 78 3.78 6.47 18.21
CA ASN A 78 5.02 7.25 18.13
C ASN A 78 5.99 6.63 17.11
N PHE A 79 5.70 6.81 15.81
CA PHE A 79 6.54 6.28 14.75
C PHE A 79 7.34 7.36 13.97
N GLU A 80 8.38 6.88 13.31
CA GLU A 80 9.24 7.68 12.47
C GLU A 80 9.30 6.98 11.11
N ALA A 81 9.28 7.75 10.03
CA ALA A 81 9.28 7.22 8.67
C ALA A 81 10.43 7.77 7.81
N GLY A 82 10.78 6.92 6.87
CA GLY A 82 11.76 7.20 5.87
C GLY A 82 11.18 7.81 4.64
N GLU A 83 12.07 8.02 3.67
CA GLU A 83 11.72 8.53 2.35
C GLU A 83 10.89 7.54 1.52
N GLY A 84 10.08 8.05 0.63
CA GLY A 84 9.32 7.24 -0.31
C GLY A 84 10.21 6.27 -1.05
N ILE A 85 9.81 5.03 -1.01
CA ILE A 85 10.48 3.99 -1.78
C ILE A 85 9.81 3.73 -3.13
N HIS A 86 8.50 3.47 -3.10
CA HIS A 86 7.75 3.22 -4.28
C HIS A 86 6.29 3.57 -4.08
N LEU A 87 5.62 3.77 -5.22
CA LEU A 87 4.23 3.99 -5.35
C LEU A 87 3.58 2.76 -5.98
N GLU A 88 2.40 2.40 -5.48
CA GLU A 88 1.52 1.40 -6.09
C GLU A 88 0.24 2.08 -6.52
N PRO A 89 0.10 2.42 -7.83
CA PRO A 89 -1.13 3.02 -8.27
C PRO A 89 -2.40 2.21 -7.86
N LEU A 90 -3.40 2.93 -7.36
CA LEU A 90 -4.64 2.31 -6.94
C LEU A 90 -5.45 2.03 -8.18
N GLY A 91 -6.11 0.88 -8.21
CA GLY A 91 -6.93 0.52 -9.35
C GLY A 91 -8.36 0.12 -9.01
N VAL A 92 -9.21 0.31 -9.99
CA VAL A 92 -10.55 -0.23 -10.03
C VAL A 92 -10.38 -1.50 -10.83
N PHE A 93 -10.85 -2.59 -10.24
CA PHE A 93 -10.81 -3.89 -10.83
C PHE A 93 -12.20 -4.43 -10.94
N SER A 94 -12.36 -5.41 -11.80
CA SER A 94 -13.64 -6.10 -11.97
C SER A 94 -13.40 -7.44 -12.66
N ASN A 95 -14.24 -8.43 -12.34
CA ASN A 95 -14.36 -9.63 -13.14
C ASN A 95 -15.61 -9.67 -14.01
N LYS A 96 -16.45 -8.62 -13.97
CA LYS A 96 -17.79 -8.63 -14.63
C LYS A 96 -17.87 -7.63 -15.77
N HIS A 97 -16.99 -6.62 -15.76
CA HIS A 97 -16.99 -5.50 -16.70
C HIS A 97 -15.56 -5.07 -17.02
N LYS A 98 -15.38 -4.42 -18.17
CA LYS A 98 -14.08 -3.84 -18.54
C LYS A 98 -14.18 -2.26 -18.52
N SER A 99 -15.36 -1.70 -18.28
CA SER A 99 -15.56 -0.23 -18.23
C SER A 99 -16.40 0.12 -17.02
N LEU A 100 -15.98 1.15 -16.30
CA LEU A 100 -16.80 1.72 -15.21
C LEU A 100 -18.14 2.31 -15.70
N ASP A 101 -18.26 2.67 -16.97
CA ASP A 101 -19.54 3.14 -17.52
C ASP A 101 -20.64 2.09 -17.59
N GLU A 102 -20.29 0.83 -17.38
CA GLU A 102 -21.21 -0.25 -17.43
C GLU A 102 -21.72 -0.62 -16.04
N LEU A 103 -21.38 0.18 -15.04
CA LEU A 103 -21.93 0.07 -13.70
C LEU A 103 -23.45 0.01 -13.82
N PRO A 104 -24.03 -1.15 -13.51
CA PRO A 104 -25.48 -1.23 -13.60
C PRO A 104 -26.16 -0.32 -12.60
N ASP A 105 -27.35 0.14 -12.95
CA ASP A 105 -28.24 0.80 -12.03
C ASP A 105 -28.53 -0.07 -10.79
N GLY A 106 -28.16 0.42 -9.60
CA GLY A 106 -28.17 -0.39 -8.36
C GLY A 106 -27.04 -1.40 -8.25
N GLY A 107 -25.98 -1.19 -9.02
CA GLY A 107 -24.80 -2.04 -9.00
C GLY A 107 -23.98 -1.81 -7.75
N THR A 108 -22.90 -2.56 -7.58
CA THR A 108 -22.14 -2.54 -6.33
C THR A 108 -20.64 -2.33 -6.55
N ILE A 109 -19.97 -1.58 -5.66
CA ILE A 109 -18.53 -1.34 -5.73
C ILE A 109 -18.00 -1.66 -4.35
N GLY A 110 -17.16 -2.69 -4.28
CA GLY A 110 -16.38 -2.99 -3.09
C GLY A 110 -15.34 -1.92 -2.80
N ILE A 111 -15.24 -1.54 -1.53
CA ILE A 111 -14.34 -0.47 -1.11
C ILE A 111 -13.76 -0.87 0.26
N ILE A 112 -12.47 -0.66 0.45
CA ILE A 112 -11.80 -0.96 1.69
C ILE A 112 -12.41 -0.16 2.89
N SER A 113 -12.18 -0.67 4.09
CA SER A 113 -12.87 -0.14 5.27
C SER A 113 -12.03 0.79 6.15
N ASP A 114 -10.72 0.84 5.96
CA ASP A 114 -9.87 1.79 6.73
C ASP A 114 -10.01 3.22 6.17
N THR A 115 -9.95 4.23 7.05
CA THR A 115 -10.12 5.64 6.70
C THR A 115 -9.26 6.14 5.54
N ALA A 116 -7.93 6.03 5.66
CA ALA A 116 -6.99 6.57 4.69
C ALA A 116 -7.17 6.01 3.27
N ASN A 117 -7.36 4.69 3.18
CA ASN A 117 -7.48 3.99 1.90
C ASN A 117 -8.88 4.09 1.26
N GLN A 118 -9.93 4.13 2.10
CA GLN A 118 -11.28 4.41 1.61
C GLN A 118 -11.33 5.83 1.05
N SER A 119 -10.72 6.73 1.78
CA SER A 119 -10.63 8.10 1.31
C SER A 119 -9.91 8.19 -0.05
N ARG A 120 -8.79 7.48 -0.18
CA ARG A 120 -8.04 7.50 -1.43
C ARG A 120 -8.82 6.88 -2.65
N ALA A 121 -9.56 5.78 -2.38
CA ALA A 121 -10.41 5.10 -3.36
C ALA A 121 -11.58 6.01 -3.80
N LEU A 122 -12.20 6.68 -2.82
CA LEU A 122 -13.21 7.72 -3.08
C LEU A 122 -12.70 8.84 -3.98
N GLU A 123 -11.48 9.33 -3.76
CA GLU A 123 -10.88 10.35 -4.68
C GLU A 123 -10.75 9.80 -6.12
N LEU A 124 -10.30 8.56 -6.22
CA LEU A 124 -10.06 7.95 -7.50
C LEU A 124 -11.39 7.92 -8.23
N LEU A 125 -12.46 7.53 -7.53
CA LEU A 125 -13.79 7.48 -8.15
C LEU A 125 -14.29 8.90 -8.51
N ALA A 126 -13.98 9.93 -7.70
CA ALA A 126 -14.26 11.34 -8.06
C ALA A 126 -13.61 11.72 -9.39
N THR A 127 -12.40 11.24 -9.72
CA THR A 127 -11.75 11.65 -10.99
C THR A 127 -12.54 11.13 -12.16
N GLN A 128 -13.30 10.03 -11.94
CA GLN A 128 -14.20 9.42 -12.94
C GLN A 128 -15.66 9.97 -12.96
N GLY A 129 -15.96 11.01 -12.20
CA GLY A 129 -17.30 11.60 -12.18
C GLY A 129 -18.37 10.79 -11.45
N LEU A 130 -17.96 9.78 -10.66
CA LEU A 130 -18.90 8.82 -10.03
C LEU A 130 -19.34 9.23 -8.62
N VAL A 131 -18.50 9.93 -7.88
CA VAL A 131 -18.90 10.57 -6.64
C VAL A 131 -18.43 12.06 -6.60
N SER A 132 -19.11 12.83 -5.80
CA SER A 132 -18.74 14.22 -5.55
C SER A 132 -18.20 14.35 -4.12
N ILE A 133 -17.00 14.91 -3.93
CA ILE A 133 -16.48 15.12 -2.54
C ILE A 133 -16.63 16.58 -2.10
N PRO A 134 -17.32 16.85 -0.98
CA PRO A 134 -17.44 18.28 -0.64
C PRO A 134 -16.05 18.94 -0.34
N GLU A 135 -15.86 20.21 -0.76
CA GLU A 135 -14.65 21.03 -0.42
C GLU A 135 -14.64 21.17 1.12
N GLY A 136 -13.48 21.00 1.78
CA GLY A 136 -13.38 21.21 3.25
C GLY A 136 -12.34 20.36 3.95
N ASP A 139 -13.02 15.34 5.89
CA ASP A 139 -13.43 14.01 6.37
C ASP A 139 -14.18 13.13 5.30
N VAL A 140 -13.44 12.40 4.44
CA VAL A 140 -13.96 11.73 3.21
C VAL A 140 -14.19 10.21 3.35
N ASN A 141 -15.47 9.83 3.36
CA ASN A 141 -15.89 8.44 3.54
C ASN A 141 -17.23 8.10 2.80
N ILE A 142 -17.59 6.82 2.73
CA ILE A 142 -18.82 6.44 2.00
C ILE A 142 -20.09 7.16 2.42
N ASN A 143 -20.19 7.60 3.69
CA ASN A 143 -21.34 8.41 4.19
C ASN A 143 -21.25 9.92 3.95
N THR A 144 -20.09 10.47 3.56
CA THR A 144 -19.98 11.94 3.36
C THR A 144 -19.83 12.38 1.90
N VAL A 145 -19.62 11.45 0.97
CA VAL A 145 -19.53 11.79 -0.47
C VAL A 145 -20.97 11.73 -1.08
N THR A 146 -21.20 12.33 -2.25
CA THR A 146 -22.52 12.30 -2.88
C THR A 146 -22.37 11.42 -4.09
N LYS A 147 -23.23 10.43 -4.22
CA LYS A 147 -23.17 9.46 -5.32
C LYS A 147 -23.76 10.15 -6.51
N LEU A 148 -23.10 10.10 -7.66
CA LEU A 148 -23.62 10.80 -8.89
C LEU A 148 -24.30 9.85 -9.89
N LYS A 149 -24.28 8.55 -9.60
CA LYS A 149 -25.07 7.54 -10.32
C LYS A 149 -25.67 6.63 -9.24
N ASN A 150 -26.67 5.83 -9.56
CA ASN A 150 -27.29 4.96 -8.57
C ASN A 150 -26.56 3.62 -8.40
N PHE A 151 -25.77 3.52 -7.35
CA PHE A 151 -25.10 2.28 -7.00
C PHE A 151 -24.92 2.26 -5.47
N ASP A 152 -24.44 1.15 -4.91
CA ASP A 152 -24.09 1.03 -3.49
C ASP A 152 -22.63 0.66 -3.31
N PHE A 153 -21.97 1.30 -2.35
CA PHE A 153 -20.69 0.83 -1.89
C PHE A 153 -20.85 -0.35 -0.95
N ARG A 154 -19.93 -1.27 -1.00
CA ARG A 154 -19.89 -2.33 0.02
C ARG A 154 -18.51 -2.39 0.63
N GLU A 155 -18.44 -2.06 1.92
CA GLU A 155 -17.18 -2.07 2.65
C GLU A 155 -16.76 -3.47 2.85
N VAL A 156 -15.50 -3.72 2.57
CA VAL A 156 -14.93 -5.03 2.63
C VAL A 156 -13.60 -4.79 3.33
N GLU A 157 -13.14 -5.77 4.09
CA GLU A 157 -11.83 -5.67 4.72
C GLU A 157 -10.80 -5.89 3.64
N GLY A 158 -9.64 -5.27 3.76
CA GLY A 158 -8.64 -5.29 2.70
C GLY A 158 -8.30 -6.63 2.08
N PRO A 159 -8.06 -7.67 2.88
CA PRO A 159 -7.68 -8.95 2.25
C PRO A 159 -8.84 -9.66 1.56
N GLN A 160 -10.07 -9.15 1.73
CA GLN A 160 -11.28 -9.70 1.12
C GLN A 160 -11.63 -8.99 -0.21
N LEU A 161 -10.87 -7.94 -0.54
CA LEU A 161 -11.12 -7.14 -1.75
C LEU A 161 -11.13 -7.94 -3.08
N VAL A 162 -10.06 -8.69 -3.37
CA VAL A 162 -9.98 -9.53 -4.57
C VAL A 162 -11.10 -10.55 -4.59
N ARG A 163 -11.30 -11.30 -3.51
CA ARG A 163 -12.50 -12.19 -3.36
C ARG A 163 -13.86 -11.47 -3.63
N SER A 164 -13.99 -10.17 -3.30
CA SER A 164 -15.25 -9.46 -3.46
C SER A 164 -15.61 -9.25 -4.92
N LEU A 165 -14.63 -9.34 -5.81
CA LEU A 165 -14.85 -9.32 -7.27
C LEU A 165 -15.79 -10.44 -7.77
N ASP A 166 -15.88 -11.56 -7.05
CA ASP A 166 -16.91 -12.59 -7.35
C ASP A 166 -18.35 -12.11 -7.06
N ASP A 167 -18.52 -11.16 -6.14
CA ASP A 167 -19.84 -10.72 -5.68
C ASP A 167 -20.31 -9.41 -6.25
N PHE A 168 -19.38 -8.48 -6.43
CA PHE A 168 -19.69 -7.11 -6.78
C PHE A 168 -19.27 -6.78 -8.25
N ASP A 169 -19.87 -5.75 -8.81
CA ASP A 169 -19.56 -5.30 -10.18
C ASP A 169 -18.10 -4.81 -10.33
N TYR A 170 -17.59 -4.14 -9.29
CA TYR A 170 -16.24 -3.58 -9.29
C TYR A 170 -15.73 -3.64 -7.88
N ALA A 171 -14.42 -3.51 -7.72
CA ALA A 171 -13.86 -3.24 -6.36
C ALA A 171 -12.65 -2.34 -6.51
N VAL A 172 -12.43 -1.42 -5.57
CA VAL A 172 -11.18 -0.59 -5.58
C VAL A 172 -10.13 -1.29 -4.72
N ILE A 173 -8.93 -1.53 -5.28
CA ILE A 173 -8.00 -2.45 -4.67
C ILE A 173 -6.55 -1.94 -4.72
N ASN A 174 -5.94 -1.75 -3.53
CA ASN A 174 -4.53 -1.39 -3.40
C ASN A 174 -3.64 -2.42 -4.05
N GLY A 175 -2.54 -1.93 -4.61
CA GLY A 175 -1.54 -2.81 -5.30
C GLY A 175 -1.15 -4.09 -4.60
N ASN A 176 -0.74 -4.02 -3.34
CA ASN A 176 -0.33 -5.20 -2.57
C ASN A 176 -1.37 -6.29 -2.62
N PHE A 177 -2.66 -5.93 -2.54
CA PHE A 177 -3.79 -6.89 -2.57
C PHE A 177 -4.02 -7.43 -4.02
N ALA A 178 -3.93 -6.54 -5.01
CA ALA A 178 -4.03 -6.90 -6.42
C ALA A 178 -2.93 -7.91 -6.71
N GLN A 179 -1.74 -7.69 -6.16
CA GLN A 179 -0.58 -8.57 -6.36
C GLN A 179 -0.87 -9.96 -5.83
N GLU A 180 -1.33 -10.06 -4.59
CA GLU A 180 -1.73 -11.33 -4.00
C GLU A 180 -2.72 -12.03 -4.88
N GLY A 181 -3.68 -11.31 -5.49
CA GLY A 181 -4.69 -11.92 -6.35
C GLY A 181 -4.36 -12.25 -7.80
N GLY A 182 -3.08 -12.18 -8.17
CA GLY A 182 -2.63 -12.47 -9.52
C GLY A 182 -2.98 -11.34 -10.49
N LYS A 183 -3.21 -10.15 -10.00
CA LYS A 183 -3.62 -9.07 -10.86
C LYS A 183 -2.51 -8.04 -11.06
N THR A 184 -2.53 -7.33 -12.17
CA THR A 184 -1.57 -6.27 -12.43
C THR A 184 -2.31 -5.01 -12.92
N ILE A 185 -1.68 -3.86 -12.91
CA ILE A 185 -2.25 -2.63 -13.43
C ILE A 185 -2.42 -2.72 -14.93
N SER A 186 -1.36 -3.07 -15.63
CA SER A 186 -1.42 -3.10 -17.05
C SER A 186 -2.51 -4.06 -17.53
N GLY A 187 -2.56 -5.23 -16.92
CA GLY A 187 -3.40 -6.32 -17.44
C GLY A 187 -4.83 -6.25 -16.95
N ASP A 188 -5.05 -5.72 -15.75
CA ASP A 188 -6.36 -5.87 -15.09
C ASP A 188 -7.06 -4.65 -14.55
N ALA A 189 -6.39 -3.50 -14.37
CA ALA A 189 -7.06 -2.28 -13.83
C ALA A 189 -7.94 -1.62 -14.88
N LEU A 190 -9.18 -1.28 -14.50
CA LEU A 190 -10.12 -0.61 -15.40
C LEU A 190 -9.85 0.90 -15.44
N VAL A 191 -9.44 1.42 -14.29
CA VAL A 191 -9.15 2.84 -14.03
C VAL A 191 -7.87 2.76 -13.19
N VAL A 192 -6.91 3.61 -13.46
CA VAL A 192 -5.61 3.55 -12.80
C VAL A 192 -5.38 4.97 -12.24
N GLU A 193 -5.08 5.07 -10.95
CA GLU A 193 -4.73 6.29 -10.27
C GLU A 193 -3.47 6.89 -10.90
N SER A 194 -3.46 8.21 -11.10
CA SER A 194 -2.32 8.88 -11.67
C SER A 194 -1.08 8.78 -10.78
N PRO A 195 0.11 8.55 -11.38
CA PRO A 195 1.32 8.58 -10.58
C PRO A 195 1.98 9.97 -10.36
N VAL A 196 1.37 11.04 -10.87
CA VAL A 196 1.97 12.36 -10.91
C VAL A 196 1.48 13.10 -9.66
N ASP A 197 2.41 13.64 -8.88
CA ASP A 197 2.09 14.32 -7.62
C ASP A 197 1.21 13.44 -6.68
N ASN A 198 1.52 12.14 -6.60
CA ASN A 198 0.75 11.20 -5.81
C ASN A 198 1.41 11.10 -4.41
N PRO A 199 0.68 11.45 -3.33
CA PRO A 199 1.38 11.41 -2.03
C PRO A 199 1.50 10.03 -1.40
N ALA A 200 0.87 9.01 -2.00
CA ALA A 200 0.80 7.67 -1.40
C ALA A 200 2.04 6.82 -1.63
N VAL A 201 3.21 7.39 -1.32
CA VAL A 201 4.46 6.64 -1.39
C VAL A 201 4.63 5.76 -0.13
N ASN A 202 5.21 4.59 -0.37
CA ASN A 202 5.44 3.58 0.65
C ASN A 202 6.77 3.76 1.38
N VAL A 203 6.74 3.71 2.71
CA VAL A 203 7.88 4.07 3.54
C VAL A 203 8.21 3.01 4.58
N LEU A 204 9.50 3.01 4.98
CA LEU A 204 10.01 2.20 6.11
C LEU A 204 9.56 2.96 7.36
N VAL A 205 8.97 2.27 8.33
CA VAL A 205 8.50 2.92 9.57
C VAL A 205 9.09 2.15 10.71
N TRP A 206 9.55 2.89 11.72
CA TRP A 206 10.06 2.31 12.95
C TRP A 206 9.60 3.16 14.16
N LYS A 207 9.86 2.68 15.35
CA LYS A 207 9.36 3.34 16.56
C LYS A 207 10.43 4.33 17.01
N GLY A 208 10.01 5.54 17.42
CA GLY A 208 10.91 6.61 17.80
C GLY A 208 12.02 6.27 18.78
N ASP A 209 11.71 5.40 19.73
CA ASP A 209 12.69 4.99 20.71
C ASP A 209 13.50 3.71 20.34
N SER A 210 13.58 3.27 19.09
CA SER A 210 14.37 2.05 18.78
C SER A 210 15.82 2.17 19.29
N LYS A 211 16.34 1.11 19.86
CA LYS A 211 17.79 1.05 20.19
C LYS A 211 18.64 0.72 18.91
N LYS A 212 17.96 0.41 17.83
CA LYS A 212 18.59 -0.15 16.68
C LYS A 212 18.69 0.82 15.55
N VAL A 213 18.70 2.13 15.85
CA VAL A 213 18.58 3.16 14.81
C VAL A 213 19.77 3.20 13.86
N ASP A 214 20.98 2.83 14.28
CA ASP A 214 22.06 2.68 13.31
C ASP A 214 21.75 1.67 12.24
N ALA A 215 21.30 0.48 12.67
CA ALA A 215 20.95 -0.60 11.74
C ALA A 215 19.79 -0.20 10.79
N ILE A 216 18.72 0.41 11.33
CA ILE A 216 17.54 0.85 10.53
C ILE A 216 17.92 1.93 9.49
N ALA A 217 18.80 2.86 9.86
CA ALA A 217 19.34 3.86 8.89
C ALA A 217 20.13 3.16 7.77
N LYS A 218 20.79 2.04 8.07
CA LYS A 218 21.44 1.25 6.98
C LYS A 218 20.38 0.61 6.01
N LEU A 219 19.31 0.03 6.55
CA LEU A 219 18.23 -0.53 5.74
C LEU A 219 17.55 0.57 4.92
N GLU A 220 17.27 1.70 5.55
CA GLU A 220 16.76 2.86 4.80
C GLU A 220 17.67 3.20 3.58
N LYS A 221 18.98 3.31 3.78
CA LYS A 221 19.91 3.62 2.71
C LYS A 221 19.84 2.52 1.60
N LEU A 222 19.79 1.22 2.00
CA LEU A 222 19.69 0.13 1.02
C LEU A 222 18.36 0.15 0.18
N LEU A 223 17.24 0.44 0.85
CA LEU A 223 15.93 0.59 0.20
C LEU A 223 15.84 1.74 -0.81
N HIS A 224 16.72 2.74 -0.68
CA HIS A 224 16.78 3.87 -1.63
CA HIS A 224 16.74 3.92 -1.55
C HIS A 224 18.01 3.87 -2.43
N SER A 225 18.57 2.68 -2.64
CA SER A 225 19.74 2.51 -3.49
C SER A 225 19.36 2.35 -4.96
N ASP A 226 20.37 2.48 -5.84
CA ASP A 226 20.23 2.29 -7.28
CA ASP A 226 20.15 2.29 -7.25
C ASP A 226 19.93 0.80 -7.55
N GLU A 227 20.53 -0.06 -6.77
CA GLU A 227 20.28 -1.53 -6.84
C GLU A 227 18.82 -1.90 -6.58
N VAL A 228 18.25 -1.36 -5.52
CA VAL A 228 16.82 -1.58 -5.28
C VAL A 228 15.91 -0.97 -6.36
N LYS A 229 16.26 0.21 -6.91
CA LYS A 229 15.45 0.79 -8.00
C LYS A 229 15.44 -0.14 -9.23
N GLN A 230 16.61 -0.66 -9.57
CA GLN A 230 16.79 -1.54 -10.71
C GLN A 230 16.06 -2.85 -10.46
N TYR A 231 16.18 -3.41 -9.28
CA TYR A 231 15.35 -4.57 -8.94
C TYR A 231 13.83 -4.27 -9.16
N ILE A 232 13.34 -3.14 -8.68
CA ILE A 232 11.90 -2.82 -8.85
C ILE A 232 11.55 -2.69 -10.31
N GLU A 233 12.40 -2.02 -11.09
CA GLU A 233 12.10 -1.78 -12.50
C GLU A 233 12.17 -3.08 -13.31
N LYS A 234 13.05 -4.00 -12.91
CA LYS A 234 13.17 -5.29 -13.59
C LYS A 234 11.99 -6.15 -13.22
N THR A 235 11.60 -6.16 -11.96
CA THR A 235 10.60 -7.12 -11.47
C THR A 235 9.15 -6.74 -11.87
N TRP A 236 8.84 -5.45 -11.84
CA TRP A 236 7.54 -4.89 -12.21
C TRP A 236 7.69 -3.94 -13.34
N SER A 237 7.39 -4.36 -14.57
CA SER A 237 7.31 -3.42 -15.71
C SER A 237 5.87 -3.33 -16.19
N ASP A 238 4.92 -3.79 -15.40
CA ASP A 238 3.48 -3.84 -15.72
C ASP A 238 2.77 -2.68 -15.09
N GLY A 239 3.54 -1.65 -14.70
CA GLY A 239 3.01 -0.44 -14.03
C GLY A 239 2.46 -0.55 -12.62
N SER A 240 2.57 -1.72 -11.98
CA SER A 240 1.97 -1.92 -10.63
C SER A 240 2.78 -1.40 -9.45
N VAL A 241 4.07 -1.24 -9.66
CA VAL A 241 4.98 -0.82 -8.60
C VAL A 241 5.97 0.10 -9.28
N ILE A 242 6.00 1.37 -8.88
CA ILE A 242 6.85 2.39 -9.52
C ILE A 242 7.83 2.92 -8.48
N PRO A 243 9.16 2.89 -8.74
CA PRO A 243 10.06 3.56 -7.81
C PRO A 243 9.68 5.04 -7.57
N ALA A 244 9.85 5.53 -6.34
CA ALA A 244 9.50 6.92 -5.99
C ALA A 244 10.72 7.79 -5.82
N PHE A 245 11.84 7.40 -6.43
CA PHE A 245 13.16 8.09 -6.31
C PHE A 245 13.97 7.69 -7.56
#